data_3ME5
#
_entry.id   3ME5
#
_cell.length_a   149.629
_cell.length_b   51.593
_cell.length_c   63.026
_cell.angle_alpha   90.00
_cell.angle_beta   90.00
_cell.angle_gamma   90.00
#
_symmetry.space_group_name_H-M   'P 21 21 2'
#
loop_
_entity.id
_entity.type
_entity.pdbx_description
1 polymer 'Cytosine-specific methyltransferase'
2 water water
#
_entity_poly.entity_id   1
_entity_poly.type   'polypeptide(L)'
_entity_poly.pdbx_seq_one_letter_code
;(MSE)SLQENISVTDSYSTGNAAQA(MSE)LEKLLQIYDVK(MSE)LVAQLNGVGENHWSAAILKRALANDSAWHRLSEK
EFAHLQTLLPKPPEHHPHYAFRFIDLFAGIGGIRRGFESIGGQCVFTSEWNKHAVRTYKANHYCDPATHHFNEDIRDITL
SHQEGVSDEAAAEHIRQHIPEHDVLLAGFPCQPFSLAGVSKKNSLGRAHGFACDTQGTLFFDVVRIIDARRPA(MSE)FV
LENVKNLKSHDKGKTFRII(MSE)QTLDELGYDVADAEDNGPDDPKIIDGKHFLPQHRERIVLVGFRRDLNLKADFTLRD
ISECFPAQRVTLAQLLDP(MSE)VEAKYILTPVLWKYLYRYAKKHQARGNGFGYG(MSE)VYPNNPQSVTRTLSARYYKD
GAEILIDRGWD(MSE)ATGEKDFDDPLNQQHRPRRLTPRECARL(MSE)GFEAPGEAKFRIPVSDTQAYRQFGNSVVVPV
FAAVAKLLEPKIKQAVALRQQEAQHGRRSREGHHHHHH
;
_entity_poly.pdbx_strand_id   A
#
# COMPACT_ATOMS: atom_id res chain seq x y z
N ASN A 17 -23.23 5.78 24.69
CA ASN A 17 -22.59 6.80 23.80
C ASN A 17 -21.50 6.20 22.91
N ALA A 18 -20.87 5.11 23.38
CA ALA A 18 -19.80 4.43 22.65
C ALA A 18 -20.28 3.70 21.39
N ALA A 19 -21.55 3.27 21.41
CA ALA A 19 -22.19 2.61 20.26
C ALA A 19 -22.34 3.54 19.06
N GLN A 20 -22.67 4.80 19.32
CA GLN A 20 -22.73 5.85 18.29
C GLN A 20 -21.33 6.20 17.79
N ALA A 21 -20.33 6.10 18.67
CA ALA A 21 -18.94 6.35 18.30
C ALA A 21 -18.39 5.27 17.36
N MSE A 22 -18.72 4.01 17.63
CA MSE A 22 -18.30 2.90 16.76
C MSE A 22 -18.96 3.01 15.39
O MSE A 22 -18.31 2.79 14.37
CB MSE A 22 -18.63 1.56 17.41
CG MSE A 22 -18.11 0.35 16.65
SE MSE A 22 -18.25 -1.25 17.71
CE MSE A 22 -16.91 -0.71 19.06
N LEU A 23 -20.26 3.33 15.36
CA LEU A 23 -21.01 3.38 14.11
C LEU A 23 -20.50 4.45 13.15
N GLU A 24 -20.15 5.62 13.68
CA GLU A 24 -19.62 6.69 12.85
C GLU A 24 -18.29 6.25 12.25
N LYS A 25 -17.45 5.60 13.04
CA LYS A 25 -16.19 5.07 12.52
C LYS A 25 -16.39 3.97 11.48
N LEU A 26 -17.39 3.13 11.71
CA LEU A 26 -17.72 2.04 10.81
C LEU A 26 -18.25 2.54 9.47
N LEU A 27 -19.06 3.59 9.50
CA LEU A 27 -19.64 4.16 8.29
C LEU A 27 -18.67 4.93 7.38
N GLN A 28 -17.49 5.27 7.91
CA GLN A 28 -16.38 5.81 7.09
C GLN A 28 -15.77 4.72 6.20
N ILE A 29 -15.98 3.46 6.59
CA ILE A 29 -15.27 2.32 6.00
C ILE A 29 -16.19 1.44 5.17
N TYR A 30 -17.33 1.08 5.73
CA TYR A 30 -18.24 0.10 5.13
C TYR A 30 -19.49 0.75 4.60
N ASP A 31 -20.05 0.14 3.56
CA ASP A 31 -21.37 0.52 3.08
C ASP A 31 -22.43 0.18 4.14
N VAL A 32 -23.48 1.01 4.22
CA VAL A 32 -24.62 0.73 5.11
C VAL A 32 -25.14 -0.69 4.86
N LYS A 33 -25.29 -1.06 3.59
CA LYS A 33 -25.76 -2.40 3.19
C LYS A 33 -24.94 -3.52 3.85
N MSE A 34 -23.61 -3.39 3.84
CA MSE A 34 -22.73 -4.36 4.48
C MSE A 34 -22.93 -4.41 6.01
O MSE A 34 -23.03 -5.48 6.59
CB MSE A 34 -21.25 -4.08 4.13
CG MSE A 34 -20.26 -5.10 4.65
SE MSE A 34 -19.77 -4.71 6.34
CE MSE A 34 -18.47 -5.94 6.57
N LEU A 35 -22.97 -3.24 6.66
CA LEU A 35 -23.19 -3.19 8.11
C LEU A 35 -24.52 -3.79 8.52
N VAL A 36 -25.54 -3.50 7.73
CA VAL A 36 -26.86 -4.07 7.97
C VAL A 36 -26.81 -5.60 7.85
N ALA A 37 -26.19 -6.09 6.78
CA ALA A 37 -25.99 -7.52 6.56
C ALA A 37 -25.24 -8.13 7.75
N GLN A 38 -24.21 -7.42 8.23
CA GLN A 38 -23.38 -7.93 9.31
C GLN A 38 -24.19 -8.04 10.59
N LEU A 39 -25.05 -7.05 10.81
CA LEU A 39 -25.89 -7.04 11.99
C LEU A 39 -26.95 -8.14 11.93
N ASN A 40 -27.52 -8.36 10.75
CA ASN A 40 -28.48 -9.44 10.55
C ASN A 40 -27.84 -10.82 10.74
N GLY A 41 -26.58 -10.95 10.33
CA GLY A 41 -25.81 -12.19 10.47
C GLY A 41 -25.63 -12.63 11.91
N VAL A 42 -25.71 -11.70 12.86
CA VAL A 42 -25.63 -12.04 14.28
C VAL A 42 -26.90 -12.82 14.69
N GLY A 43 -27.97 -12.66 13.91
CA GLY A 43 -29.17 -13.50 14.03
C GLY A 43 -30.04 -13.26 15.25
N GLU A 44 -29.84 -12.12 15.91
CA GLU A 44 -30.62 -11.80 17.08
C GLU A 44 -31.82 -10.93 16.72
N ASN A 45 -31.59 -9.89 15.92
CA ASN A 45 -32.65 -8.96 15.51
C ASN A 45 -32.67 -8.77 13.99
N HIS A 46 -33.77 -8.18 13.52
CA HIS A 46 -33.90 -7.80 12.10
C HIS A 46 -33.46 -6.35 11.93
N TRP A 47 -32.57 -6.12 10.96
CA TRP A 47 -32.00 -4.80 10.70
C TRP A 47 -32.27 -4.32 9.27
N SER A 48 -32.34 -3.00 9.11
CA SER A 48 -32.46 -2.33 7.81
C SER A 48 -31.58 -1.07 7.85
N ALA A 49 -31.31 -0.48 6.68
CA ALA A 49 -30.58 0.80 6.61
C ALA A 49 -31.22 1.88 7.47
N ALA A 50 -32.54 2.01 7.36
CA ALA A 50 -33.29 3.02 8.08
C ALA A 50 -33.20 2.82 9.59
N ILE A 51 -33.27 1.56 10.04
CA ILE A 51 -33.16 1.25 11.46
C ILE A 51 -31.72 1.54 11.93
N LEU A 52 -30.75 1.26 11.08
CA LEU A 52 -29.37 1.53 11.41
C LEU A 52 -29.14 3.04 11.58
N LYS A 53 -29.71 3.82 10.67
CA LYS A 53 -29.65 5.29 10.77
C LYS A 53 -30.32 5.80 12.05
N ARG A 54 -31.43 5.17 12.43
CA ARG A 54 -32.13 5.48 13.68
C ARG A 54 -31.21 5.30 14.89
N ALA A 55 -30.52 4.16 14.92
CA ALA A 55 -29.56 3.86 15.99
C ALA A 55 -28.38 4.84 16.00
N LEU A 56 -28.00 5.31 14.81
CA LEU A 56 -26.94 6.32 14.67
C LEU A 56 -27.39 7.69 15.20
N ALA A 57 -28.69 7.90 15.33
CA ALA A 57 -29.24 9.14 15.88
C ALA A 57 -29.88 8.90 17.24
N LEU A 65 -29.93 -3.70 19.33
CA LEU A 65 -29.22 -2.43 19.53
C LEU A 65 -27.85 -2.63 20.21
N SER A 66 -27.66 -3.78 20.87
CA SER A 66 -26.44 -4.05 21.63
C SER A 66 -26.19 -5.55 21.90
N GLU A 67 -25.24 -5.81 22.82
CA GLU A 67 -24.79 -7.14 23.27
C GLU A 67 -23.73 -7.78 22.36
N LYS A 68 -24.10 -8.88 21.69
CA LYS A 68 -23.19 -9.58 20.79
C LYS A 68 -23.02 -8.84 19.46
N GLU A 69 -24.02 -8.03 19.12
CA GLU A 69 -24.00 -7.20 17.91
C GLU A 69 -22.87 -6.18 17.99
N PHE A 70 -22.78 -5.50 19.14
CA PHE A 70 -21.69 -4.59 19.46
C PHE A 70 -20.32 -5.28 19.33
N ALA A 71 -20.20 -6.45 19.97
CA ALA A 71 -18.98 -7.26 19.92
C ALA A 71 -18.61 -7.66 18.49
N HIS A 72 -19.58 -8.09 17.72
CA HIS A 72 -19.31 -8.45 16.33
C HIS A 72 -18.81 -7.24 15.51
N LEU A 73 -19.43 -6.08 15.68
CA LEU A 73 -19.03 -4.87 14.96
C LEU A 73 -17.61 -4.41 15.32
N GLN A 74 -17.19 -4.71 16.55
CA GLN A 74 -15.82 -4.45 16.99
C GLN A 74 -14.78 -5.17 16.16
N THR A 75 -15.12 -6.37 15.67
CA THR A 75 -14.18 -7.18 14.90
C THR A 75 -13.98 -6.63 13.50
N LEU A 76 -14.77 -5.61 13.15
CA LEU A 76 -14.67 -5.01 11.83
C LEU A 76 -13.72 -3.82 11.79
N LEU A 77 -13.24 -3.42 12.97
CA LEU A 77 -12.31 -2.29 13.12
C LEU A 77 -10.92 -2.77 13.55
N PRO A 78 -9.87 -2.11 13.05
CA PRO A 78 -8.52 -2.47 13.50
C PRO A 78 -8.23 -2.06 14.94
N LYS A 79 -7.48 -2.90 15.65
CA LYS A 79 -7.02 -2.61 16.99
C LYS A 79 -5.68 -1.84 16.93
N PRO A 80 -5.39 -1.05 17.96
CA PRO A 80 -4.07 -0.41 18.00
C PRO A 80 -2.98 -1.45 18.20
N PRO A 81 -1.72 -1.15 17.82
CA PRO A 81 -0.69 -2.16 18.10
C PRO A 81 -0.47 -2.46 19.59
N GLU A 82 0.24 -3.54 19.88
CA GLU A 82 0.35 -4.03 21.26
C GLU A 82 1.05 -3.05 22.19
N HIS A 83 1.98 -2.26 21.64
CA HIS A 83 2.73 -1.26 22.42
C HIS A 83 1.97 0.08 22.62
N HIS A 84 0.81 0.22 21.97
CA HIS A 84 0.01 1.46 22.07
C HIS A 84 -0.17 1.79 23.56
N PRO A 85 -0.12 3.07 23.95
CA PRO A 85 0.02 4.32 23.23
C PRO A 85 1.47 4.80 23.15
N HIS A 86 2.45 3.88 23.30
CA HIS A 86 3.87 4.28 23.26
C HIS A 86 4.59 3.82 22.01
N TYR A 87 5.10 4.78 21.25
CA TYR A 87 5.69 4.49 19.93
C TYR A 87 7.15 4.87 19.82
N ALA A 88 7.86 4.19 18.93
CA ALA A 88 9.31 4.31 18.83
C ALA A 88 9.73 5.54 18.03
N PHE A 89 8.83 5.97 17.16
CA PHE A 89 9.07 7.14 16.30
C PHE A 89 7.77 7.57 15.61
N ARG A 90 7.83 8.72 14.94
CA ARG A 90 6.69 9.32 14.24
C ARG A 90 6.93 9.34 12.71
N PHE A 91 5.89 9.01 11.94
CA PHE A 91 6.02 9.05 10.48
C PHE A 91 4.76 9.58 9.83
N ILE A 92 4.88 10.09 8.60
CA ILE A 92 3.71 10.40 7.81
C ILE A 92 3.70 9.55 6.54
N ASP A 93 2.50 9.44 5.97
CA ASP A 93 2.16 8.55 4.88
C ASP A 93 1.57 9.38 3.71
N LEU A 94 2.38 9.84 2.74
CA LEU A 94 1.84 10.57 1.56
C LEU A 94 1.56 9.65 0.38
N PHE A 95 0.47 9.90 -0.36
CA PHE A 95 0.06 9.01 -1.48
C PHE A 95 -0.01 7.59 -0.95
N ALA A 96 -0.75 7.46 0.15
CA ALA A 96 -0.64 6.31 1.04
C ALA A 96 -1.23 5.01 0.48
N GLY A 97 -2.13 5.15 -0.49
CA GLY A 97 -2.86 4.01 -1.05
C GLY A 97 -3.63 3.28 0.02
N ILE A 98 -3.41 1.95 0.07
CA ILE A 98 -4.07 1.14 1.09
C ILE A 98 -3.14 0.74 2.24
N GLY A 99 -2.02 1.44 2.34
CA GLY A 99 -1.14 1.32 3.50
C GLY A 99 0.05 0.43 3.27
N GLY A 100 0.36 0.15 2.01
CA GLY A 100 1.51 -0.71 1.65
C GLY A 100 2.84 -0.29 2.26
N ILE A 101 3.17 1.01 2.19
CA ILE A 101 4.42 1.46 2.77
C ILE A 101 4.30 1.57 4.29
N ARG A 102 3.11 1.97 4.77
CA ARG A 102 2.88 2.10 6.22
C ARG A 102 3.15 0.83 7.02
N ARG A 103 2.73 -0.33 6.50
CA ARG A 103 2.81 -1.60 7.28
C ARG A 103 4.18 -1.89 7.85
N GLY A 104 5.21 -1.73 7.01
CA GLY A 104 6.57 -2.02 7.40
C GLY A 104 7.03 -1.14 8.53
N PHE A 105 6.62 0.12 8.53
CA PHE A 105 7.08 1.05 9.54
C PHE A 105 6.27 0.98 10.81
N GLU A 106 5.00 0.61 10.69
CA GLU A 106 4.21 0.34 11.89
C GLU A 106 4.79 -0.89 12.57
N SER A 107 5.31 -1.79 11.75
CA SER A 107 5.93 -3.01 12.29
C SER A 107 7.15 -2.77 13.14
N ILE A 108 7.84 -1.65 12.93
CA ILE A 108 8.98 -1.32 13.77
C ILE A 108 8.65 -0.22 14.81
N GLY A 109 7.37 -0.18 15.20
CA GLY A 109 6.95 0.65 16.34
C GLY A 109 6.62 2.09 15.94
N GLY A 110 6.56 2.37 14.64
CA GLY A 110 6.23 3.74 14.19
C GLY A 110 4.78 4.18 14.43
N GLN A 111 4.58 5.49 14.70
CA GLN A 111 3.24 6.07 14.85
C GLN A 111 2.95 6.94 13.64
N CYS A 112 1.89 6.61 12.92
CA CYS A 112 1.54 7.43 11.75
C CYS A 112 0.78 8.62 12.29
N VAL A 113 1.22 9.85 11.96
CA VAL A 113 0.61 11.00 12.55
C VAL A 113 -0.11 11.83 11.48
N PHE A 114 -0.02 11.39 10.23
CA PHE A 114 -0.67 12.10 9.12
C PHE A 114 -0.66 11.24 7.86
N THR A 115 -1.77 11.21 7.14
CA THR A 115 -1.90 10.38 5.94
C THR A 115 -2.54 11.28 4.83
N SER A 116 -1.98 11.23 3.62
CA SER A 116 -2.63 11.89 2.47
C SER A 116 -2.91 10.83 1.40
N GLU A 117 -4.17 10.73 0.99
CA GLU A 117 -4.54 9.78 -0.07
C GLU A 117 -5.82 10.26 -0.75
N TRP A 118 -5.76 10.44 -2.07
CA TRP A 118 -6.85 11.09 -2.79
C TRP A 118 -8.00 10.12 -3.07
N ASN A 119 -7.71 8.82 -3.10
CA ASN A 119 -8.70 7.88 -3.61
C ASN A 119 -9.59 7.42 -2.47
N LYS A 120 -10.86 7.83 -2.52
CA LYS A 120 -11.81 7.62 -1.41
C LYS A 120 -12.02 6.15 -1.05
N HIS A 121 -12.03 5.28 -2.06
CA HIS A 121 -12.14 3.84 -1.81
C HIS A 121 -10.88 3.27 -1.19
N ALA A 122 -9.71 3.78 -1.60
CA ALA A 122 -8.44 3.33 -0.99
C ALA A 122 -8.41 3.71 0.50
N VAL A 123 -8.91 4.91 0.79
CA VAL A 123 -9.00 5.38 2.17
C VAL A 123 -9.86 4.44 3.02
N ARG A 124 -10.94 3.91 2.43
CA ARG A 124 -11.78 2.97 3.17
C ARG A 124 -11.01 1.72 3.54
N THR A 125 -10.29 1.16 2.59
CA THR A 125 -9.52 -0.07 2.86
C THR A 125 -8.40 0.23 3.87
N TYR A 126 -7.80 1.41 3.71
CA TYR A 126 -6.76 1.91 4.65
C TYR A 126 -7.31 1.93 6.07
N LYS A 127 -8.46 2.60 6.26
CA LYS A 127 -9.09 2.71 7.59
C LYS A 127 -9.52 1.36 8.17
N ALA A 128 -9.87 0.42 7.31
CA ALA A 128 -10.27 -0.93 7.77
C ALA A 128 -9.11 -1.71 8.37
N ASN A 129 -7.89 -1.34 8.01
CA ASN A 129 -6.71 -2.13 8.40
C ASN A 129 -5.65 -1.42 9.25
N HIS A 130 -5.81 -0.12 9.43
CA HIS A 130 -4.85 0.66 10.21
C HIS A 130 -5.57 1.46 11.27
N TYR A 131 -5.18 1.26 12.52
CA TYR A 131 -5.75 2.03 13.61
C TYR A 131 -5.33 3.51 13.49
N CYS A 132 -6.33 4.38 13.49
CA CYS A 132 -6.14 5.82 13.32
C CYS A 132 -6.91 6.53 14.41
N ASP A 133 -6.18 7.16 15.31
CA ASP A 133 -6.77 7.88 16.43
C ASP A 133 -6.87 9.34 15.99
N PRO A 134 -8.08 9.89 15.90
CA PRO A 134 -8.22 11.30 15.48
C PRO A 134 -7.56 12.32 16.44
N ALA A 135 -7.29 11.92 17.68
CA ALA A 135 -6.54 12.79 18.60
C ALA A 135 -5.05 12.96 18.24
N THR A 136 -4.48 12.01 17.47
CA THR A 136 -3.02 11.98 17.20
C THR A 136 -2.70 11.82 15.66
N HIS A 137 -3.76 11.83 14.85
CA HIS A 137 -3.67 11.55 13.40
C HIS A 137 -4.74 12.34 12.62
N HIS A 138 -4.38 12.69 11.39
N HIS A 138 -4.44 12.73 11.40
CA HIS A 138 -5.20 13.46 10.44
CA HIS A 138 -5.46 13.30 10.51
C HIS A 138 -5.14 12.85 9.03
C HIS A 138 -5.20 12.84 9.07
N PHE A 139 -6.27 12.87 8.29
CA PHE A 139 -6.26 12.49 6.87
C PHE A 139 -6.41 13.76 6.04
N ASN A 140 -5.78 13.78 4.88
CA ASN A 140 -5.97 14.77 3.84
C ASN A 140 -6.27 14.02 2.56
N GLU A 141 -7.09 14.59 1.69
CA GLU A 141 -7.39 13.96 0.40
C GLU A 141 -6.51 14.56 -0.70
N ASP A 142 -6.58 15.89 -0.81
CA ASP A 142 -5.88 16.61 -1.87
C ASP A 142 -4.69 17.38 -1.31
N ILE A 143 -3.48 16.95 -1.63
CA ILE A 143 -2.30 17.50 -0.98
C ILE A 143 -2.08 18.99 -1.30
N ARG A 144 -2.51 19.45 -2.47
CA ARG A 144 -2.33 20.86 -2.78
C ARG A 144 -3.09 21.75 -1.80
N ASP A 145 -4.15 21.22 -1.17
CA ASP A 145 -4.88 22.01 -0.17
C ASP A 145 -4.01 22.38 1.00
N ILE A 146 -2.98 21.57 1.23
CA ILE A 146 -2.02 21.85 2.32
C ILE A 146 -0.78 22.65 1.89
N THR A 147 -0.20 22.31 0.74
CA THR A 147 0.99 23.00 0.22
C THR A 147 0.71 24.34 -0.46
N LEU A 148 -0.52 24.54 -0.94
CA LEU A 148 -0.93 25.76 -1.65
C LEU A 148 -0.08 26.00 -2.92
N SER A 149 0.37 24.89 -3.51
CA SER A 149 1.18 24.96 -4.74
C SER A 149 0.43 25.52 -5.94
N HIS A 150 -0.90 25.45 -5.93
CA HIS A 150 -1.72 26.01 -7.01
C HIS A 150 -2.00 27.51 -6.82
N GLN A 151 -1.55 28.07 -5.68
CA GLN A 151 -1.77 29.47 -5.32
C GLN A 151 -0.46 30.26 -5.45
N GLU A 152 -0.24 30.86 -6.62
CA GLU A 152 0.95 31.65 -6.94
C GLU A 152 1.28 32.80 -5.97
N GLY A 153 0.25 33.46 -5.44
CA GLY A 153 0.44 34.61 -4.57
C GLY A 153 0.96 34.30 -3.17
N VAL A 154 0.96 33.03 -2.78
CA VAL A 154 1.43 32.66 -1.44
C VAL A 154 2.95 32.46 -1.46
N SER A 155 3.67 33.18 -0.61
CA SER A 155 5.13 33.04 -0.51
C SER A 155 5.56 31.65 -0.05
N ASP A 156 6.81 31.28 -0.35
CA ASP A 156 7.36 29.99 0.06
C ASP A 156 7.27 29.78 1.60
N GLU A 157 7.58 30.83 2.36
N GLU A 157 7.55 30.83 2.36
CA GLU A 157 7.58 30.76 3.83
CA GLU A 157 7.55 30.71 3.82
C GLU A 157 6.17 30.66 4.41
C GLU A 157 6.15 30.62 4.41
N ALA A 158 5.23 31.37 3.82
CA ALA A 158 3.82 31.34 4.26
C ALA A 158 3.22 29.97 3.94
N ALA A 159 3.61 29.41 2.80
CA ALA A 159 3.18 28.04 2.43
C ALA A 159 3.73 27.00 3.40
N ALA A 160 5.00 27.17 3.79
CA ALA A 160 5.66 26.29 4.74
C ALA A 160 4.99 26.35 6.10
N GLU A 161 4.66 27.57 6.54
CA GLU A 161 3.93 27.77 7.78
C GLU A 161 2.54 27.11 7.71
N HIS A 162 1.87 27.25 6.55
CA HIS A 162 0.59 26.60 6.33
C HIS A 162 0.68 25.08 6.32
N ILE A 163 1.70 24.52 5.68
CA ILE A 163 1.93 23.08 5.69
C ILE A 163 2.08 22.57 7.13
N ARG A 164 2.83 23.30 7.96
CA ARG A 164 3.04 22.87 9.35
C ARG A 164 1.76 22.89 10.21
N GLN A 165 0.75 23.66 9.81
CA GLN A 165 -0.52 23.63 10.54
C GLN A 165 -1.19 22.25 10.43
N HIS A 166 -1.00 21.60 9.28
CA HIS A 166 -1.78 20.42 8.89
C HIS A 166 -0.94 19.17 9.08
N ILE A 167 0.37 19.29 8.86
CA ILE A 167 1.24 18.14 8.95
C ILE A 167 2.15 18.32 10.15
N PRO A 168 2.06 17.39 11.13
CA PRO A 168 2.85 17.51 12.37
C PRO A 168 4.32 17.18 12.13
N GLU A 169 5.13 17.46 13.16
CA GLU A 169 6.53 17.09 13.20
CA GLU A 169 6.53 17.08 13.13
C GLU A 169 6.60 15.56 13.08
N HIS A 170 7.63 15.07 12.38
CA HIS A 170 7.78 13.63 12.19
C HIS A 170 9.24 13.25 11.93
N ASP A 171 9.58 12.00 12.21
CA ASP A 171 10.95 11.51 12.03
C ASP A 171 11.19 10.91 10.65
N VAL A 172 10.16 10.31 10.07
CA VAL A 172 10.33 9.61 8.78
C VAL A 172 9.19 10.02 7.87
N LEU A 173 9.50 10.55 6.70
CA LEU A 173 8.46 10.86 5.73
C LEU A 173 8.41 9.72 4.70
N LEU A 174 7.21 9.18 4.47
CA LEU A 174 7.00 8.15 3.44
C LEU A 174 6.18 8.74 2.31
N ALA A 175 6.60 8.52 1.06
CA ALA A 175 5.79 8.95 -0.09
C ALA A 175 5.89 8.04 -1.29
N GLY A 176 4.77 7.66 -1.87
CA GLY A 176 4.75 7.18 -3.25
C GLY A 176 4.18 8.19 -4.23
N PHE A 177 5.02 8.99 -4.88
CA PHE A 177 4.53 10.01 -5.86
C PHE A 177 4.50 9.52 -7.32
N PRO A 178 3.63 10.11 -8.16
CA PRO A 178 3.57 9.70 -9.58
C PRO A 178 4.71 10.25 -10.45
N CYS A 179 5.10 9.46 -11.45
CA CYS A 179 6.11 9.87 -12.42
C CYS A 179 5.56 10.91 -13.41
N GLN A 180 5.92 12.17 -13.18
CA GLN A 180 5.56 13.29 -14.07
C GLN A 180 6.83 13.96 -14.59
N PRO A 181 6.81 14.41 -15.85
CA PRO A 181 7.97 15.13 -16.40
C PRO A 181 8.03 16.59 -15.94
N PHE A 182 9.24 17.13 -15.84
CA PHE A 182 9.43 18.52 -15.42
C PHE A 182 9.60 19.46 -16.62
N CYS A 201 11.96 25.40 -7.92
CA CYS A 201 11.37 26.00 -9.12
C CYS A 201 11.38 25.07 -10.34
N ASP A 202 12.40 24.20 -10.41
CA ASP A 202 12.55 23.23 -11.51
C ASP A 202 11.47 22.16 -11.52
N THR A 203 10.98 21.82 -10.32
CA THR A 203 10.02 20.73 -10.13
C THR A 203 8.56 21.22 -10.18
N GLN A 204 8.36 22.52 -10.42
CA GLN A 204 7.03 23.11 -10.29
C GLN A 204 6.05 22.56 -11.34
N GLY A 205 4.79 22.45 -10.95
CA GLY A 205 3.76 21.90 -11.82
C GLY A 205 3.60 20.39 -11.65
N THR A 206 4.25 19.83 -10.62
CA THR A 206 4.18 18.40 -10.37
C THR A 206 3.89 18.08 -8.89
N LEU A 207 3.37 16.89 -8.66
CA LEU A 207 3.18 16.36 -7.30
C LEU A 207 4.51 16.16 -6.55
N PHE A 208 5.61 15.94 -7.30
CA PHE A 208 6.92 15.84 -6.65
C PHE A 208 7.24 17.13 -5.90
N PHE A 209 6.91 18.27 -6.52
CA PHE A 209 7.05 19.59 -5.91
C PHE A 209 6.35 19.64 -4.55
N ASP A 210 5.13 19.12 -4.47
CA ASP A 210 4.38 19.13 -3.21
C ASP A 210 5.16 18.35 -2.15
N VAL A 211 5.72 17.23 -2.56
CA VAL A 211 6.48 16.40 -1.61
C VAL A 211 7.70 17.16 -1.13
N VAL A 212 8.39 17.83 -2.07
CA VAL A 212 9.54 18.66 -1.76
C VAL A 212 9.17 19.81 -0.80
N ARG A 213 8.03 20.46 -1.04
CA ARG A 213 7.60 21.56 -0.15
C ARG A 213 7.44 21.06 1.29
N ILE A 214 6.89 19.86 1.40
CA ILE A 214 6.64 19.23 2.69
C ILE A 214 7.95 18.83 3.39
N ILE A 215 8.89 18.26 2.64
CA ILE A 215 10.19 17.92 3.22
C ILE A 215 10.88 19.20 3.70
N ASP A 216 10.78 20.28 2.94
CA ASP A 216 11.45 21.50 3.35
C ASP A 216 10.80 22.13 4.58
N ALA A 217 9.47 22.05 4.67
CA ALA A 217 8.73 22.71 5.74
C ALA A 217 8.90 21.95 7.04
N ARG A 218 9.09 20.64 6.93
CA ARG A 218 9.11 19.81 8.12
C ARG A 218 10.47 19.19 8.51
N ARG A 219 11.38 19.13 7.54
CA ARG A 219 12.74 18.67 7.75
C ARG A 219 12.81 17.36 8.52
N PRO A 220 12.10 16.31 8.06
CA PRO A 220 12.22 15.03 8.76
C PRO A 220 13.66 14.55 8.75
N ALA A 221 14.01 13.78 9.77
CA ALA A 221 15.32 13.13 9.84
C ALA A 221 15.57 12.24 8.62
N MSE A 222 14.53 11.56 8.17
CA MSE A 222 14.66 10.64 7.04
C MSE A 222 13.40 10.67 6.18
O MSE A 222 12.33 11.04 6.64
CB MSE A 222 14.87 9.21 7.54
CG MSE A 222 16.32 8.91 7.89
SE MSE A 222 16.49 7.51 9.23
CE MSE A 222 15.79 8.53 10.71
N PHE A 223 13.54 10.25 4.93
CA PHE A 223 12.38 9.99 4.08
C PHE A 223 12.59 8.74 3.26
N VAL A 224 11.48 8.14 2.81
CA VAL A 224 11.52 7.02 1.89
C VAL A 224 10.51 7.32 0.80
N LEU A 225 11.01 7.45 -0.42
CA LEU A 225 10.17 7.72 -1.59
C LEU A 225 10.23 6.50 -2.50
N GLU A 226 9.07 6.15 -3.06
CA GLU A 226 8.95 5.02 -3.94
C GLU A 226 8.60 5.55 -5.33
N ASN A 227 9.13 4.94 -6.38
CA ASN A 227 8.78 5.36 -7.72
C ASN A 227 8.95 4.21 -8.71
N VAL A 228 8.61 4.45 -9.97
CA VAL A 228 8.64 3.40 -11.01
C VAL A 228 10.08 2.95 -11.31
N LYS A 229 10.22 1.68 -11.66
CA LYS A 229 11.53 1.07 -11.89
C LYS A 229 12.38 1.83 -12.90
N ASN A 230 11.74 2.36 -13.93
CA ASN A 230 12.40 3.01 -15.07
C ASN A 230 12.70 4.50 -14.87
N LEU A 231 12.52 4.98 -13.65
CA LEU A 231 12.70 6.39 -13.34
C LEU A 231 13.97 6.98 -13.97
N LYS A 232 15.05 6.21 -13.94
CA LYS A 232 16.33 6.67 -14.50
C LYS A 232 16.28 6.98 -15.99
N SER A 233 15.46 6.25 -16.74
CA SER A 233 15.37 6.41 -18.20
C SER A 233 14.43 7.56 -18.59
N HIS A 234 13.42 7.80 -17.76
CA HIS A 234 12.36 8.76 -18.06
C HIS A 234 12.88 10.09 -18.59
N ASP A 235 12.34 10.52 -19.74
CA ASP A 235 12.59 11.84 -20.31
C ASP A 235 14.10 12.04 -20.55
N LYS A 236 14.75 11.02 -21.13
CA LYS A 236 16.19 11.04 -21.41
C LYS A 236 17.06 11.29 -20.15
N GLY A 237 16.58 10.80 -19.00
CA GLY A 237 17.29 10.94 -17.74
C GLY A 237 17.04 12.23 -16.99
N LYS A 238 16.26 13.15 -17.58
CA LYS A 238 16.01 14.47 -17.00
C LYS A 238 15.27 14.39 -15.65
N THR A 239 14.32 13.46 -15.55
CA THR A 239 13.44 13.40 -14.37
C THR A 239 14.27 12.94 -13.17
N PHE A 240 14.93 11.79 -13.30
CA PHE A 240 15.83 11.29 -12.26
C PHE A 240 16.91 12.32 -11.87
N ARG A 241 17.56 12.97 -12.84
CA ARG A 241 18.58 13.97 -12.52
C ARG A 241 18.00 15.12 -11.67
N ILE A 242 16.85 15.65 -12.07
CA ILE A 242 16.23 16.77 -11.37
C ILE A 242 15.80 16.34 -9.95
N ILE A 243 15.26 15.13 -9.82
CA ILE A 243 14.82 14.61 -8.51
C ILE A 243 16.00 14.46 -7.56
N MSE A 244 17.09 13.84 -8.05
CA MSE A 244 18.25 13.60 -7.20
C MSE A 244 18.94 14.89 -6.77
O MSE A 244 19.38 15.03 -5.63
CB MSE A 244 19.26 12.65 -7.88
CG MSE A 244 18.72 11.26 -8.17
SE MSE A 244 18.04 10.30 -6.58
CE MSE A 244 19.72 9.80 -5.77
N GLN A 245 19.04 15.83 -7.72
CA GLN A 245 19.62 17.16 -7.45
C GLN A 245 18.77 17.96 -6.45
N THR A 246 17.45 17.89 -6.61
CA THR A 246 16.53 18.55 -5.68
C THR A 246 16.69 18.00 -4.25
N LEU A 247 16.76 16.68 -4.14
CA LEU A 247 16.89 16.04 -2.84
C LEU A 247 18.23 16.38 -2.15
N ASP A 248 19.30 16.44 -2.95
CA ASP A 248 20.63 16.80 -2.47
C ASP A 248 20.58 18.25 -1.96
N GLU A 249 20.03 19.15 -2.77
CA GLU A 249 19.95 20.58 -2.42
C GLU A 249 19.08 20.85 -1.21
N LEU A 250 18.11 19.96 -0.95
CA LEU A 250 17.33 20.03 0.30
C LEU A 250 18.16 19.69 1.53
N GLY A 251 19.36 19.16 1.34
CA GLY A 251 20.17 18.79 2.48
C GLY A 251 20.07 17.33 2.89
N TYR A 252 19.71 16.48 1.93
CA TYR A 252 19.57 15.06 2.20
C TYR A 252 20.56 14.23 1.43
N ASP A 253 21.14 13.23 2.10
CA ASP A 253 21.98 12.25 1.44
C ASP A 253 21.14 11.03 1.11
N VAL A 254 21.02 10.73 -0.19
CA VAL A 254 20.21 9.60 -0.66
C VAL A 254 21.06 8.33 -0.75
N ALA A 255 20.54 7.22 -0.21
CA ALA A 255 21.25 5.96 -0.23
C ALA A 255 21.57 5.57 -1.67
N ASP A 256 22.84 5.24 -1.91
CA ASP A 256 23.27 4.67 -3.17
C ASP A 256 23.06 5.63 -4.35
N ALA A 257 23.20 6.93 -4.07
CA ALA A 257 22.92 8.00 -5.04
C ALA A 257 23.81 7.93 -6.28
N GLU A 258 24.98 7.34 -6.13
CA GLU A 258 25.97 7.33 -7.23
C GLU A 258 26.08 5.95 -7.88
N ASP A 259 25.19 5.05 -7.49
CA ASP A 259 25.21 3.66 -7.94
C ASP A 259 24.04 3.44 -8.92
N ASN A 260 24.25 3.83 -10.17
CA ASN A 260 23.15 3.99 -11.13
C ASN A 260 23.24 3.12 -12.37
N GLY A 261 24.06 2.08 -12.32
CA GLY A 261 24.15 1.10 -13.39
C GLY A 261 22.93 0.16 -13.44
N PRO A 262 22.99 -0.88 -14.29
CA PRO A 262 21.93 -1.89 -14.36
C PRO A 262 21.74 -2.71 -13.08
N ASP A 263 22.75 -2.73 -12.20
CA ASP A 263 22.64 -3.37 -10.88
C ASP A 263 22.20 -2.41 -9.74
N ASP A 264 21.77 -1.21 -10.13
CA ASP A 264 21.31 -0.17 -9.18
C ASP A 264 20.61 -0.76 -7.96
N PRO A 265 21.24 -0.65 -6.77
CA PRO A 265 20.63 -1.19 -5.54
C PRO A 265 19.32 -0.50 -5.13
N LYS A 266 19.04 0.68 -5.69
CA LYS A 266 17.80 1.40 -5.39
C LYS A 266 16.58 0.73 -6.07
N ILE A 267 16.85 -0.14 -7.05
CA ILE A 267 15.80 -0.93 -7.68
C ILE A 267 15.67 -2.24 -6.92
N ILE A 268 14.50 -2.46 -6.35
CA ILE A 268 14.24 -3.62 -5.52
C ILE A 268 12.98 -4.32 -6.05
N ASP A 269 13.14 -5.62 -6.31
CA ASP A 269 12.07 -6.43 -6.88
C ASP A 269 11.37 -7.20 -5.77
N GLY A 270 10.04 -7.22 -5.77
CA GLY A 270 9.28 -8.02 -4.79
C GLY A 270 9.52 -9.52 -4.94
N LYS A 271 10.01 -9.92 -6.13
CA LYS A 271 10.26 -11.32 -6.42
C LYS A 271 11.11 -12.03 -5.37
N HIS A 272 11.94 -11.28 -4.64
CA HIS A 272 12.71 -11.86 -3.53
C HIS A 272 11.86 -12.31 -2.36
N PHE A 273 10.64 -11.77 -2.24
CA PHE A 273 9.78 -12.02 -1.08
C PHE A 273 8.52 -12.79 -1.46
N LEU A 274 8.01 -12.51 -2.65
CA LEU A 274 6.74 -13.05 -3.11
C LEU A 274 6.86 -13.47 -4.58
N PRO A 275 5.94 -14.32 -5.08
CA PRO A 275 6.17 -14.94 -6.39
C PRO A 275 5.67 -14.14 -7.60
N GLN A 276 6.12 -12.89 -7.70
CA GLN A 276 5.82 -12.04 -8.83
C GLN A 276 6.97 -11.03 -9.04
N HIS A 277 7.30 -10.75 -10.30
CA HIS A 277 8.21 -9.66 -10.65
C HIS A 277 7.49 -8.35 -10.43
N ARG A 278 8.06 -7.52 -9.58
CA ARG A 278 7.50 -6.21 -9.30
C ARG A 278 8.61 -5.36 -8.71
N GLU A 279 9.17 -4.52 -9.57
CA GLU A 279 10.30 -3.66 -9.21
C GLU A 279 9.82 -2.23 -9.02
N ARG A 280 10.34 -1.60 -7.97
CA ARG A 280 10.20 -0.15 -7.77
C ARG A 280 11.57 0.42 -7.43
N ILE A 281 11.75 1.71 -7.71
CA ILE A 281 12.93 2.41 -7.24
C ILE A 281 12.60 2.98 -5.86
N VAL A 282 13.57 2.90 -4.97
CA VAL A 282 13.39 3.32 -3.58
C VAL A 282 14.46 4.35 -3.25
N LEU A 283 14.03 5.54 -2.86
CA LEU A 283 14.95 6.63 -2.56
C LEU A 283 14.89 6.93 -1.06
N VAL A 284 15.92 6.52 -0.35
CA VAL A 284 16.01 6.67 1.09
C VAL A 284 16.91 7.86 1.40
N GLY A 285 16.36 8.89 2.06
CA GLY A 285 17.17 10.05 2.36
C GLY A 285 17.43 10.29 3.82
N PHE A 286 18.63 10.78 4.11
CA PHE A 286 19.07 11.03 5.48
C PHE A 286 19.41 12.51 5.59
N ARG A 287 18.85 13.21 6.57
CA ARG A 287 19.14 14.63 6.72
C ARG A 287 20.62 14.82 7.10
N ARG A 288 21.34 15.55 6.26
CA ARG A 288 22.81 15.55 6.30
C ARG A 288 23.39 16.00 7.64
N ASP A 289 22.75 16.97 8.28
CA ASP A 289 23.26 17.53 9.52
C ASP A 289 23.25 16.52 10.67
N LEU A 290 22.47 15.44 10.50
CA LEU A 290 22.35 14.43 11.54
C LEU A 290 23.41 13.33 11.49
N ASN A 291 24.11 13.23 10.35
CA ASN A 291 25.15 12.22 10.14
C ASN A 291 24.67 10.80 10.47
N LEU A 292 23.48 10.44 9.96
CA LEU A 292 22.86 9.14 10.26
C LEU A 292 23.20 8.08 9.22
N LYS A 293 23.52 8.50 8.00
CA LYS A 293 23.68 7.56 6.89
C LYS A 293 24.79 6.53 7.13
N ALA A 294 25.97 6.98 7.56
CA ALA A 294 27.14 6.10 7.78
C ALA A 294 27.31 5.13 6.63
N ASP A 295 27.28 3.83 6.91
CA ASP A 295 27.48 2.82 5.87
C ASP A 295 26.21 2.24 5.24
N PHE A 296 25.07 2.89 5.51
CA PHE A 296 23.81 2.41 4.99
C PHE A 296 23.82 2.29 3.47
N THR A 297 23.28 1.17 3.01
CA THR A 297 23.15 0.88 1.59
C THR A 297 22.03 -0.12 1.39
N LEU A 298 21.29 0.06 0.30
CA LEU A 298 20.20 -0.84 -0.02
C LEU A 298 20.73 -2.17 -0.56
N ARG A 299 22.05 -2.28 -0.71
CA ARG A 299 22.67 -3.56 -1.04
C ARG A 299 22.41 -4.53 0.09
N ASP A 300 22.31 -4.02 1.31
CA ASP A 300 22.05 -4.85 2.48
C ASP A 300 20.65 -5.46 2.52
N ILE A 301 19.77 -5.04 1.60
CA ILE A 301 18.41 -5.60 1.52
C ILE A 301 18.38 -7.15 1.50
N SER A 302 19.41 -7.77 0.93
CA SER A 302 19.44 -9.24 0.82
C SER A 302 19.48 -9.95 2.19
N GLU A 303 19.93 -9.25 3.23
CA GLU A 303 19.88 -9.77 4.60
C GLU A 303 18.45 -9.97 5.08
N CYS A 304 17.52 -9.26 4.45
CA CYS A 304 16.10 -9.28 4.85
C CYS A 304 15.24 -10.31 4.10
N PHE A 305 15.82 -11.01 3.13
CA PHE A 305 15.07 -11.98 2.33
C PHE A 305 14.64 -13.17 3.19
N PRO A 306 13.42 -13.69 2.99
CA PRO A 306 12.98 -14.80 3.82
C PRO A 306 13.78 -16.08 3.55
N ALA A 307 13.91 -16.92 4.57
CA ALA A 307 14.60 -18.21 4.42
C ALA A 307 14.05 -19.02 3.24
N GLN A 308 12.73 -19.20 3.21
CA GLN A 308 12.08 -19.87 2.09
C GLN A 308 11.04 -18.94 1.52
N ARG A 309 11.05 -18.76 0.21
CA ARG A 309 10.07 -17.86 -0.41
C ARG A 309 8.71 -18.52 -0.52
N VAL A 310 7.70 -17.72 -0.20
CA VAL A 310 6.31 -18.00 -0.46
C VAL A 310 6.09 -18.39 -1.92
N THR A 311 5.41 -19.52 -2.14
CA THR A 311 5.10 -20.00 -3.48
C THR A 311 3.74 -19.50 -3.95
N LEU A 312 3.54 -19.49 -5.26
CA LEU A 312 2.25 -19.17 -5.86
C LEU A 312 1.15 -20.08 -5.28
N ALA A 313 1.43 -21.39 -5.24
CA ALA A 313 0.50 -22.41 -4.71
C ALA A 313 0.04 -22.11 -3.30
N GLN A 314 0.97 -21.67 -2.44
CA GLN A 314 0.70 -21.38 -1.02
C GLN A 314 -0.26 -20.20 -0.78
N LEU A 315 -0.43 -19.36 -1.80
CA LEU A 315 -1.28 -18.18 -1.70
C LEU A 315 -2.72 -18.42 -2.08
N LEU A 316 -2.98 -19.60 -2.63
CA LEU A 316 -4.33 -19.88 -3.16
C LEU A 316 -5.23 -20.56 -2.13
N ASP A 317 -6.46 -20.07 -2.05
CA ASP A 317 -7.53 -20.71 -1.30
C ASP A 317 -7.96 -21.97 -2.03
N PRO A 318 -7.99 -23.11 -1.31
CA PRO A 318 -8.44 -24.33 -1.97
C PRO A 318 -9.93 -24.28 -2.32
N MSE A 319 -10.71 -23.50 -1.59
CA MSE A 319 -12.12 -23.29 -1.93
C MSE A 319 -12.40 -21.85 -2.23
O MSE A 319 -12.12 -20.97 -1.42
CB MSE A 319 -13.02 -23.75 -0.79
CG MSE A 319 -13.44 -25.20 -0.83
SE MSE A 319 -13.83 -25.77 0.99
CE MSE A 319 -15.21 -24.47 1.48
N VAL A 320 -13.01 -21.62 -3.39
CA VAL A 320 -13.32 -20.28 -3.84
C VAL A 320 -14.77 -20.23 -4.37
N GLU A 321 -15.45 -19.09 -4.20
CA GLU A 321 -16.83 -18.92 -4.67
C GLU A 321 -16.90 -19.13 -6.19
N ALA A 322 -18.03 -19.60 -6.69
CA ALA A 322 -18.18 -19.90 -8.12
C ALA A 322 -18.06 -18.66 -9.00
N LYS A 323 -18.39 -17.49 -8.45
CA LYS A 323 -18.37 -16.26 -9.27
C LYS A 323 -16.96 -15.93 -9.79
N TYR A 324 -15.94 -16.56 -9.21
CA TYR A 324 -14.57 -16.36 -9.69
C TYR A 324 -14.23 -17.20 -10.93
N ILE A 325 -15.03 -18.23 -11.20
CA ILE A 325 -14.88 -18.99 -12.44
C ILE A 325 -15.22 -18.02 -13.57
N LEU A 326 -14.38 -18.02 -14.61
CA LEU A 326 -14.65 -17.15 -15.77
C LEU A 326 -16.00 -17.42 -16.39
N THR A 327 -16.70 -16.37 -16.87
CA THR A 327 -17.95 -16.62 -17.56
C THR A 327 -17.58 -17.21 -18.92
N PRO A 328 -18.52 -17.89 -19.60
CA PRO A 328 -18.17 -18.43 -20.92
C PRO A 328 -17.66 -17.32 -21.86
N VAL A 329 -18.28 -16.15 -21.79
CA VAL A 329 -17.90 -15.05 -22.70
C VAL A 329 -16.51 -14.48 -22.35
N LEU A 330 -16.25 -14.31 -21.06
CA LEU A 330 -14.97 -13.79 -20.61
C LEU A 330 -13.85 -14.76 -20.98
N TRP A 331 -14.13 -16.07 -20.86
CA TRP A 331 -13.13 -17.06 -21.25
C TRP A 331 -12.84 -16.99 -22.75
N LYS A 332 -13.87 -16.75 -23.56
CA LYS A 332 -13.65 -16.49 -25.00
C LYS A 332 -12.70 -15.27 -25.21
N TYR A 333 -12.94 -14.17 -24.49
CA TYR A 333 -12.04 -13.00 -24.58
C TYR A 333 -10.63 -13.46 -24.15
N LEU A 334 -10.50 -13.91 -22.91
CA LEU A 334 -9.18 -14.17 -22.31
C LEU A 334 -8.37 -15.23 -23.05
N TYR A 335 -9.05 -16.25 -23.58
CA TYR A 335 -8.40 -17.31 -24.35
C TYR A 335 -7.73 -16.80 -25.64
N ARG A 336 -8.43 -15.95 -26.39
CA ARG A 336 -7.87 -15.38 -27.61
C ARG A 336 -6.70 -14.43 -27.31
N TYR A 337 -6.83 -13.63 -26.25
CA TYR A 337 -5.73 -12.80 -25.74
C TYR A 337 -4.48 -13.64 -25.42
N ALA A 338 -4.64 -14.68 -24.62
CA ALA A 338 -3.56 -15.63 -24.29
C ALA A 338 -2.86 -16.18 -25.53
N LYS A 339 -3.59 -16.28 -26.65
CA LYS A 339 -3.03 -16.78 -27.89
C LYS A 339 -2.36 -15.71 -28.77
N LYS A 340 -2.96 -14.51 -28.81
CA LYS A 340 -2.47 -13.43 -29.69
C LYS A 340 -1.37 -12.60 -29.03
N GLY A 351 -1.31 -15.58 -18.55
CA GLY A 351 -0.69 -16.20 -17.38
C GLY A 351 -1.57 -17.24 -16.70
N MSE A 352 -1.28 -18.52 -16.97
CA MSE A 352 -2.10 -19.63 -16.47
C MSE A 352 -1.35 -20.44 -15.42
O MSE A 352 -0.24 -20.89 -15.64
CB MSE A 352 -2.51 -20.53 -17.63
CG MSE A 352 -3.39 -21.70 -17.21
SE MSE A 352 -5.19 -21.14 -16.71
CE MSE A 352 -5.79 -20.61 -18.47
N VAL A 353 -1.99 -20.61 -14.27
CA VAL A 353 -1.38 -21.29 -13.14
C VAL A 353 -2.00 -22.66 -12.95
N TYR A 354 -1.14 -23.66 -12.78
CA TYR A 354 -1.54 -25.03 -12.58
C TYR A 354 -1.10 -25.42 -11.17
N PRO A 355 -1.97 -25.16 -10.17
CA PRO A 355 -1.56 -25.25 -8.75
C PRO A 355 -1.03 -26.62 -8.34
N ASN A 356 -1.35 -27.63 -9.13
CA ASN A 356 -0.94 -29.00 -8.85
C ASN A 356 0.30 -29.42 -9.63
N ASN A 357 0.63 -28.65 -10.67
CA ASN A 357 1.86 -28.85 -11.43
C ASN A 357 3.04 -28.38 -10.57
N PRO A 358 3.99 -29.30 -10.28
CA PRO A 358 5.17 -29.01 -9.45
C PRO A 358 5.87 -27.68 -9.72
N GLN A 359 5.80 -27.20 -10.97
CA GLN A 359 6.42 -25.93 -11.36
C GLN A 359 5.90 -24.69 -10.62
N SER A 360 4.63 -24.71 -10.21
CA SER A 360 4.01 -23.54 -9.56
C SER A 360 4.55 -23.30 -8.14
N VAL A 361 5.40 -24.22 -7.68
CA VAL A 361 6.18 -24.02 -6.46
C VAL A 361 7.33 -23.06 -6.78
N THR A 362 7.84 -23.16 -8.00
CA THR A 362 9.03 -22.42 -8.45
C THR A 362 8.72 -21.07 -9.10
N ARG A 363 7.68 -21.01 -9.93
CA ARG A 363 7.53 -19.92 -10.91
C ARG A 363 7.28 -18.53 -10.34
N THR A 364 7.77 -17.53 -11.06
CA THR A 364 7.58 -16.14 -10.73
C THR A 364 6.75 -15.50 -11.82
N LEU A 365 5.60 -14.95 -11.45
CA LEU A 365 4.74 -14.24 -12.40
C LEU A 365 5.43 -12.99 -12.93
N SER A 366 5.32 -12.77 -14.24
CA SER A 366 6.01 -11.66 -14.88
C SER A 366 5.37 -10.32 -14.51
N ALA A 367 5.95 -9.23 -15.01
CA ALA A 367 5.42 -7.89 -14.81
C ALA A 367 4.26 -7.62 -15.76
N ARG A 368 4.31 -8.24 -16.95
CA ARG A 368 3.32 -8.09 -18.02
C ARG A 368 1.93 -7.68 -17.54
N ASP A 372 -4.87 -10.55 -12.46
CA ASP A 372 -5.09 -11.27 -11.19
C ASP A 372 -6.51 -11.85 -11.10
N GLY A 373 -7.45 -11.06 -10.57
CA GLY A 373 -8.87 -11.35 -10.72
C GLY A 373 -9.39 -10.87 -12.06
N ALA A 374 -8.60 -11.15 -13.10
CA ALA A 374 -8.86 -10.76 -14.47
C ALA A 374 -7.71 -11.32 -15.31
N GLU A 375 -6.49 -10.89 -15.02
CA GLU A 375 -5.31 -11.27 -15.82
C GLU A 375 -4.71 -12.63 -15.40
N ILE A 376 -4.54 -12.87 -14.11
CA ILE A 376 -3.96 -14.15 -13.62
C ILE A 376 -5.06 -15.19 -13.49
N LEU A 377 -4.87 -16.35 -14.11
CA LEU A 377 -5.90 -17.38 -14.11
C LEU A 377 -5.40 -18.68 -13.49
N ILE A 378 -6.31 -19.38 -12.85
CA ILE A 378 -6.03 -20.63 -12.15
C ILE A 378 -6.74 -21.72 -12.92
N ASP A 379 -5.98 -22.72 -13.35
CA ASP A 379 -6.53 -23.82 -14.14
C ASP A 379 -7.46 -24.73 -13.34
N ARG A 380 -8.54 -25.14 -13.99
CA ARG A 380 -9.50 -26.05 -13.41
C ARG A 380 -9.68 -27.30 -14.32
N GLY A 381 -8.64 -27.65 -15.06
CA GLY A 381 -8.61 -28.89 -15.85
C GLY A 381 -9.11 -28.78 -17.28
N TRP A 382 -8.97 -27.59 -17.87
CA TRP A 382 -9.31 -27.37 -19.27
C TRP A 382 -8.45 -28.25 -20.14
N ASP A 383 -9.10 -28.91 -21.08
CA ASP A 383 -8.34 -29.70 -22.04
C ASP A 383 -8.09 -28.88 -23.28
N MSE A 384 -6.81 -28.61 -23.54
CA MSE A 384 -6.39 -27.80 -24.68
C MSE A 384 -6.87 -28.35 -26.02
O MSE A 384 -7.44 -27.60 -26.83
CB MSE A 384 -4.86 -27.63 -24.71
CG MSE A 384 -4.29 -26.68 -23.63
SE MSE A 384 -4.84 -24.80 -23.74
CE MSE A 384 -4.78 -24.55 -25.67
N ALA A 385 -6.65 -29.64 -26.26
CA ALA A 385 -7.07 -30.26 -27.53
C ALA A 385 -8.58 -30.15 -27.78
N THR A 386 -9.38 -30.44 -26.76
CA THR A 386 -10.85 -30.32 -26.88
C THR A 386 -11.28 -28.90 -27.17
N GLY A 387 -10.60 -27.94 -26.54
CA GLY A 387 -10.87 -26.52 -26.74
C GLY A 387 -10.63 -26.10 -28.18
N GLU A 388 -9.61 -26.70 -28.80
CA GLU A 388 -9.24 -26.42 -30.19
C GLU A 388 -10.25 -27.02 -31.17
N LYS A 389 -10.80 -28.18 -30.82
CA LYS A 389 -11.75 -28.87 -31.70
C LYS A 389 -13.15 -28.26 -31.64
N ASP A 390 -13.60 -27.93 -30.43
CA ASP A 390 -14.98 -27.60 -30.14
C ASP A 390 -14.95 -26.82 -28.82
N PHE A 391 -14.78 -25.51 -28.93
CA PHE A 391 -14.59 -24.63 -27.76
C PHE A 391 -15.77 -24.66 -26.79
N ASP A 392 -16.96 -24.87 -27.33
CA ASP A 392 -18.19 -24.86 -26.56
C ASP A 392 -18.58 -26.21 -26.01
N ASP A 393 -17.76 -27.23 -26.28
CA ASP A 393 -17.96 -28.57 -25.74
C ASP A 393 -18.48 -28.48 -24.31
N PRO A 394 -19.67 -29.06 -24.06
CA PRO A 394 -20.32 -28.76 -22.79
C PRO A 394 -19.50 -29.37 -21.67
N LEU A 395 -18.77 -30.44 -21.99
CA LEU A 395 -18.01 -31.14 -20.97
C LEU A 395 -16.74 -30.41 -20.55
N ASN A 396 -15.93 -30.01 -21.53
CA ASN A 396 -14.82 -29.10 -21.29
C ASN A 396 -15.21 -27.75 -20.68
N GLN A 397 -16.41 -27.27 -21.03
CA GLN A 397 -16.90 -26.00 -20.47
C GLN A 397 -17.17 -26.04 -18.97
N GLN A 398 -17.13 -27.21 -18.36
CA GLN A 398 -17.23 -27.32 -16.91
C GLN A 398 -15.88 -27.06 -16.28
N HIS A 399 -14.87 -26.90 -17.12
CA HIS A 399 -13.52 -26.73 -16.59
C HIS A 399 -12.88 -25.41 -17.00
N ARG A 400 -13.70 -24.36 -17.16
CA ARG A 400 -13.15 -23.03 -17.35
C ARG A 400 -12.27 -22.61 -16.18
N PRO A 401 -11.18 -21.90 -16.47
CA PRO A 401 -10.31 -21.39 -15.39
C PRO A 401 -11.01 -20.35 -14.52
N ARG A 402 -10.43 -20.09 -13.35
CA ARG A 402 -10.94 -19.03 -12.49
C ARG A 402 -9.92 -17.93 -12.27
N ARG A 403 -10.42 -16.78 -11.83
CA ARG A 403 -9.60 -15.62 -11.48
C ARG A 403 -9.17 -15.72 -10.02
N LEU A 404 -8.03 -15.09 -9.69
CA LEU A 404 -7.68 -14.84 -8.28
C LEU A 404 -8.77 -14.01 -7.61
N THR A 405 -9.02 -14.31 -6.34
CA THR A 405 -9.94 -13.50 -5.53
C THR A 405 -9.20 -12.29 -4.96
N PRO A 406 -9.94 -11.26 -4.50
CA PRO A 406 -9.29 -10.11 -3.86
C PRO A 406 -8.37 -10.53 -2.73
N ARG A 407 -8.76 -11.51 -1.95
CA ARG A 407 -7.90 -11.92 -0.85
C ARG A 407 -6.62 -12.59 -1.35
N GLU A 408 -6.72 -13.38 -2.39
CA GLU A 408 -5.50 -14.00 -2.95
C GLU A 408 -4.60 -12.91 -3.54
N CYS A 409 -5.19 -11.88 -4.12
CA CYS A 409 -4.39 -10.73 -4.52
C CYS A 409 -3.73 -10.03 -3.36
N ALA A 410 -4.44 -9.95 -2.22
CA ALA A 410 -3.83 -9.42 -0.99
C ALA A 410 -2.58 -10.20 -0.58
N ARG A 411 -2.66 -11.53 -0.65
CA ARG A 411 -1.49 -12.38 -0.33
C ARG A 411 -0.38 -12.17 -1.34
N LEU A 412 -0.74 -11.98 -2.61
CA LEU A 412 0.25 -11.80 -3.68
C LEU A 412 1.07 -10.51 -3.47
N MSE A 413 0.42 -9.49 -2.93
CA MSE A 413 1.07 -8.23 -2.62
C MSE A 413 1.66 -8.15 -1.20
O MSE A 413 2.39 -7.21 -0.88
CB MSE A 413 0.08 -7.08 -2.88
CG MSE A 413 -0.51 -7.10 -4.29
SE MSE A 413 0.89 -7.04 -5.65
CE MSE A 413 1.63 -5.27 -5.18
N GLY A 414 1.39 -9.13 -0.34
CA GLY A 414 1.95 -9.12 1.01
C GLY A 414 1.11 -8.46 2.10
N PHE A 415 -0.15 -8.15 1.78
CA PHE A 415 -1.07 -7.61 2.81
C PHE A 415 -1.65 -8.71 3.70
N GLU A 416 -1.51 -9.93 3.23
CA GLU A 416 -2.14 -11.08 3.85
C GLU A 416 -1.18 -12.24 3.79
N ALA A 417 -1.01 -12.91 4.93
CA ALA A 417 -0.12 -14.07 5.05
C ALA A 417 -0.77 -15.27 4.37
N PRO A 418 0.03 -16.21 3.81
CA PRO A 418 -0.54 -17.47 3.29
C PRO A 418 -1.40 -18.15 4.35
N GLY A 419 -2.56 -18.64 3.94
CA GLY A 419 -3.46 -19.35 4.86
C GLY A 419 -4.36 -18.47 5.69
N GLU A 420 -4.11 -17.15 5.70
CA GLU A 420 -4.81 -16.30 6.65
C GLU A 420 -5.87 -15.42 5.96
N ALA A 421 -6.80 -14.89 6.76
CA ALA A 421 -7.80 -13.94 6.23
C ALA A 421 -8.05 -12.82 7.22
N LYS A 422 -6.97 -12.13 7.58
CA LYS A 422 -7.02 -11.04 8.56
C LYS A 422 -7.25 -9.70 7.88
N PHE A 423 -6.90 -9.65 6.61
CA PHE A 423 -6.96 -8.35 5.91
C PHE A 423 -8.41 -8.02 5.57
N ARG A 424 -8.85 -6.82 5.95
CA ARG A 424 -10.23 -6.39 5.71
C ARG A 424 -10.41 -5.71 4.38
N ILE A 425 -11.38 -6.18 3.61
CA ILE A 425 -11.63 -5.62 2.28
C ILE A 425 -13.05 -5.07 2.24
N PRO A 426 -13.21 -3.76 2.53
CA PRO A 426 -14.54 -3.15 2.68
C PRO A 426 -15.12 -2.64 1.37
N VAL A 427 -14.41 -2.85 0.27
CA VAL A 427 -14.81 -2.31 -1.01
C VAL A 427 -15.16 -3.45 -1.98
N SER A 428 -15.66 -3.08 -3.14
CA SER A 428 -16.05 -4.05 -4.17
C SER A 428 -14.82 -4.76 -4.72
N ASP A 429 -14.99 -5.98 -5.24
CA ASP A 429 -13.90 -6.71 -5.88
C ASP A 429 -13.15 -5.84 -6.90
N THR A 430 -13.87 -5.05 -7.71
CA THR A 430 -13.29 -4.17 -8.72
C THR A 430 -12.31 -3.14 -8.16
N GLN A 431 -12.78 -2.42 -7.14
CA GLN A 431 -11.94 -1.49 -6.41
C GLN A 431 -10.80 -2.22 -5.71
N ALA A 432 -11.06 -3.40 -5.17
CA ALA A 432 -10.00 -4.09 -4.46
C ALA A 432 -8.87 -4.49 -5.42
N TYR A 433 -9.21 -5.08 -6.56
CA TYR A 433 -8.18 -5.40 -7.57
C TYR A 433 -7.33 -4.21 -7.99
N ARG A 434 -7.97 -3.06 -8.21
CA ARG A 434 -7.33 -1.79 -8.55
C ARG A 434 -6.35 -1.41 -7.43
N GLN A 435 -6.83 -1.51 -6.20
CA GLN A 435 -6.01 -1.17 -5.02
C GLN A 435 -4.74 -2.02 -4.92
N PHE A 436 -4.91 -3.33 -5.03
CA PHE A 436 -3.77 -4.22 -4.97
C PHE A 436 -2.86 -4.02 -6.18
N GLY A 437 -3.45 -3.82 -7.37
CA GLY A 437 -2.66 -3.52 -8.57
C GLY A 437 -1.80 -2.26 -8.45
N ASN A 438 -2.31 -1.28 -7.70
CA ASN A 438 -1.62 0.02 -7.55
C ASN A 438 -0.64 0.04 -6.37
N SER A 439 -0.61 -1.03 -5.57
CA SER A 439 0.13 -1.05 -4.31
CA SER A 439 0.16 -1.01 -4.33
C SER A 439 1.62 -1.38 -4.47
N VAL A 440 2.41 -0.95 -3.49
CA VAL A 440 3.79 -1.40 -3.32
C VAL A 440 3.69 -2.83 -2.79
N VAL A 441 4.77 -3.58 -2.94
CA VAL A 441 4.89 -4.92 -2.39
C VAL A 441 5.29 -4.71 -0.94
N VAL A 442 4.43 -5.16 -0.03
CA VAL A 442 4.54 -4.85 1.40
C VAL A 442 5.88 -5.29 1.98
N PRO A 443 6.32 -6.53 1.68
CA PRO A 443 7.55 -6.98 2.33
C PRO A 443 8.82 -6.28 1.85
N VAL A 444 8.79 -5.63 0.69
CA VAL A 444 9.90 -4.78 0.22
C VAL A 444 10.09 -3.62 1.18
N PHE A 445 8.99 -2.94 1.50
CA PHE A 445 9.09 -1.83 2.44
C PHE A 445 9.22 -2.21 3.92
N ALA A 446 8.76 -3.40 4.28
CA ALA A 446 9.04 -3.94 5.61
C ALA A 446 10.56 -4.19 5.82
N ALA A 447 11.21 -4.70 4.76
CA ALA A 447 12.64 -4.93 4.74
C ALA A 447 13.42 -3.61 4.85
N VAL A 448 13.01 -2.62 4.06
CA VAL A 448 13.60 -1.28 4.11
C VAL A 448 13.48 -0.69 5.51
N ALA A 449 12.28 -0.80 6.10
CA ALA A 449 12.09 -0.32 7.48
C ALA A 449 13.02 -1.02 8.44
N LYS A 450 13.21 -2.33 8.27
CA LYS A 450 14.10 -3.09 9.16
C LYS A 450 15.53 -2.60 9.02
N LEU A 451 15.95 -2.30 7.80
CA LEU A 451 17.30 -1.76 7.59
C LEU A 451 17.46 -0.41 8.28
N LEU A 452 16.39 0.37 8.27
CA LEU A 452 16.39 1.73 8.81
C LEU A 452 16.20 1.83 10.31
N GLU A 453 15.68 0.77 10.94
CA GLU A 453 15.30 0.81 12.36
C GLU A 453 16.37 1.40 13.29
N PRO A 454 17.63 0.88 13.24
CA PRO A 454 18.68 1.46 14.10
C PRO A 454 18.92 2.93 13.87
N LYS A 455 18.86 3.35 12.61
CA LYS A 455 19.08 4.74 12.21
C LYS A 455 17.93 5.58 12.74
N ILE A 456 16.72 5.02 12.67
CA ILE A 456 15.54 5.73 13.19
C ILE A 456 15.64 5.88 14.71
N LYS A 457 16.03 4.81 15.40
CA LYS A 457 16.26 4.90 16.85
C LYS A 457 17.29 5.97 17.21
N GLN A 458 18.37 6.06 16.44
CA GLN A 458 19.40 7.09 16.64
C GLN A 458 18.82 8.49 16.48
N ALA A 459 18.00 8.67 15.44
CA ALA A 459 17.44 9.97 15.13
C ALA A 459 16.54 10.49 16.25
N VAL A 460 15.76 9.57 16.84
CA VAL A 460 14.82 9.88 17.93
C VAL A 460 15.61 10.21 19.19
N ALA A 461 16.66 9.44 19.45
CA ALA A 461 17.61 9.73 20.53
C ALA A 461 18.23 11.12 20.38
N LEU A 462 18.61 11.49 19.16
CA LEU A 462 19.21 12.81 18.92
C LEU A 462 18.27 13.96 19.28
N ARG A 463 17.06 13.95 18.75
CA ARG A 463 16.11 15.02 19.06
C ARG A 463 15.67 15.06 20.51
N GLN A 464 15.59 13.90 21.16
CA GLN A 464 15.21 13.82 22.58
C GLN A 464 16.29 14.45 23.46
N GLN A 465 17.54 14.31 23.02
CA GLN A 465 18.70 14.93 23.68
C GLN A 465 18.88 16.40 23.24
N GLU A 466 18.43 16.71 22.02
CA GLU A 466 18.43 18.07 21.47
C GLU A 466 17.38 18.96 22.16
N ALA A 467 16.42 18.31 22.82
CA ALA A 467 15.36 19.01 23.56
C ALA A 467 15.86 19.56 24.91
N GLN A 468 16.86 18.90 25.50
CA GLN A 468 17.53 19.40 26.69
C GLN A 468 18.46 20.56 26.35
#